data_4HCG
#
_entry.id   4HCG
#
_cell.length_a   52.500
_cell.length_b   52.500
_cell.length_c   172.007
_cell.angle_alpha   90.00
_cell.angle_beta   90.00
_cell.angle_gamma   90.00
#
_symmetry.space_group_name_H-M   'P 41 21 2'
#
loop_
_entity.id
_entity.type
_entity.pdbx_description
1 polymer 'Cupredoxin 1'
2 non-polymer 'ZINC ION'
3 water water
#
_entity_poly.entity_id   1
_entity_poly.type   'polypeptide(L)'
_entity_poly.pdbx_seq_one_letter_code
;SNANDLAQPIASAKVIEVELNDDYFNPNVITIPINESTTLLLKNKGKSEHTFTIKKLGIDVVVESGKEKNITVKPKSAGT
YELICRYHLLKG(MSE)EGKVIVK
;
_entity_poly.pdbx_strand_id   A,B
#
loop_
_chem_comp.id
_chem_comp.type
_chem_comp.name
_chem_comp.formula
ZN non-polymer 'ZINC ION' 'Zn 2'
#
# COMPACT_ATOMS: atom_id res chain seq x y z
N LEU A 6 -24.22 -19.42 25.22
CA LEU A 6 -23.42 -18.59 24.32
C LEU A 6 -21.94 -18.49 24.74
N ALA A 7 -21.64 -18.74 26.01
CA ALA A 7 -20.27 -18.56 26.51
C ALA A 7 -19.29 -19.65 26.06
N GLN A 8 -18.08 -19.24 25.72
CA GLN A 8 -17.02 -20.18 25.32
C GLN A 8 -15.67 -19.66 25.82
N PRO A 9 -14.65 -20.53 25.91
CA PRO A 9 -13.35 -20.05 26.41
C PRO A 9 -12.72 -19.00 25.50
N ILE A 10 -11.93 -18.09 26.06
CA ILE A 10 -11.23 -17.06 25.29
C ILE A 10 -10.45 -17.68 24.15
N ALA A 11 -10.51 -17.05 22.97
CA ALA A 11 -9.78 -17.47 21.78
C ALA A 11 -10.17 -18.88 21.32
N SER A 12 -11.47 -19.14 21.32
CA SER A 12 -11.99 -20.42 20.82
C SER A 12 -11.91 -20.58 19.31
N ALA A 13 -12.04 -19.48 18.57
CA ALA A 13 -11.94 -19.55 17.11
C ALA A 13 -10.56 -20.07 16.69
N LYS A 14 -10.52 -20.99 15.74
CA LYS A 14 -9.25 -21.47 15.21
C LYS A 14 -8.52 -20.33 14.53
N VAL A 15 -7.19 -20.34 14.59
CA VAL A 15 -6.39 -19.28 13.99
C VAL A 15 -5.66 -19.79 12.76
N ILE A 16 -5.80 -19.06 11.65
CA ILE A 16 -5.01 -19.36 10.48
C ILE A 16 -4.02 -18.23 10.29
N GLU A 17 -2.73 -18.55 10.29
CA GLU A 17 -1.69 -17.55 10.06
C GLU A 17 -1.56 -17.32 8.58
N VAL A 18 -1.47 -16.05 8.19
CA VAL A 18 -1.16 -15.73 6.81
C VAL A 18 0.01 -14.76 6.81
N GLU A 19 1.04 -15.13 6.07
N GLU A 19 1.06 -15.14 6.11
CA GLU A 19 2.24 -14.34 5.94
CA GLU A 19 2.24 -14.28 6.00
C GLU A 19 2.08 -13.39 4.75
C GLU A 19 2.10 -13.40 4.78
N LEU A 20 2.39 -12.11 4.96
CA LEU A 20 2.44 -11.16 3.87
C LEU A 20 3.92 -10.88 3.68
N ASN A 21 4.46 -11.18 2.50
N ASN A 21 4.41 -11.14 2.48
CA ASN A 21 5.85 -10.80 2.23
CA ASN A 21 5.80 -10.90 2.15
C ASN A 21 5.91 -10.07 0.92
C ASN A 21 5.90 -10.06 0.89
N ASP A 22 7.10 -9.61 0.52
CA ASP A 22 7.24 -8.87 -0.72
C ASP A 22 7.50 -9.86 -1.86
N ASP A 23 6.55 -10.10 -2.76
CA ASP A 23 5.19 -9.58 -2.73
C ASP A 23 4.23 -10.74 -2.94
N TYR A 24 3.97 -11.50 -1.89
CA TYR A 24 3.11 -12.67 -2.02
C TYR A 24 2.44 -12.99 -0.68
N PHE A 25 1.35 -13.74 -0.73
CA PHE A 25 0.72 -14.31 0.46
C PHE A 25 1.18 -15.75 0.65
N ASN A 26 1.37 -16.15 1.90
CA ASN A 26 1.66 -17.54 2.22
C ASN A 26 0.92 -17.95 3.49
N PRO A 27 -0.09 -18.83 3.37
CA PRO A 27 -0.51 -19.51 2.14
C PRO A 27 -1.33 -18.60 1.23
N ASN A 28 -1.43 -18.97 -0.05
CA ASN A 28 -2.21 -18.16 -0.98
C ASN A 28 -3.57 -18.77 -1.30
N VAL A 29 -3.88 -19.87 -0.65
CA VAL A 29 -5.23 -20.43 -0.71
C VAL A 29 -5.62 -20.79 0.73
N ILE A 30 -6.73 -20.25 1.20
CA ILE A 30 -7.20 -20.62 2.53
C ILE A 30 -8.67 -21.01 2.46
N THR A 31 -9.04 -21.98 3.28
CA THR A 31 -10.40 -22.48 3.31
C THR A 31 -10.95 -22.21 4.69
N ILE A 32 -12.13 -21.60 4.75
CA ILE A 32 -12.75 -21.29 6.04
C ILE A 32 -14.22 -21.71 6.04
N PRO A 33 -14.72 -22.13 7.21
CA PRO A 33 -16.10 -22.61 7.32
C PRO A 33 -17.12 -21.50 7.19
N ILE A 34 -18.20 -21.78 6.45
CA ILE A 34 -19.32 -20.87 6.36
C ILE A 34 -20.02 -20.75 7.72
N ASN A 35 -20.56 -19.58 8.02
CA ASN A 35 -21.34 -19.35 9.24
C ASN A 35 -20.64 -19.71 10.56
N GLU A 36 -19.31 -19.68 10.56
CA GLU A 36 -18.52 -19.85 11.77
C GLU A 36 -17.43 -18.78 11.77
N SER A 37 -16.91 -18.46 12.94
CA SER A 37 -15.83 -17.46 13.00
C SER A 37 -14.47 -18.10 12.88
N THR A 38 -13.64 -17.53 12.00
CA THR A 38 -12.26 -17.93 11.89
C THR A 38 -11.41 -16.68 12.14
N THR A 39 -10.36 -16.82 12.94
CA THR A 39 -9.42 -15.72 13.11
C THR A 39 -8.23 -15.87 12.17
N LEU A 40 -7.89 -14.77 11.50
CA LEU A 40 -6.76 -14.73 10.59
C LEU A 40 -5.67 -13.88 11.23
N LEU A 41 -4.52 -14.49 11.50
CA LEU A 41 -3.38 -13.73 12.03
C LEU A 41 -2.49 -13.32 10.87
N LEU A 42 -2.53 -12.03 10.53
CA LEU A 42 -1.80 -11.51 9.38
C LEU A 42 -0.42 -10.99 9.82
N LYS A 43 0.63 -11.60 9.31
CA LYS A 43 1.99 -11.22 9.68
C LYS A 43 2.72 -10.64 8.48
N ASN A 44 3.06 -9.35 8.53
CA ASN A 44 3.81 -8.74 7.45
C ASN A 44 5.31 -8.95 7.70
N LYS A 45 5.88 -9.94 7.02
CA LYS A 45 7.29 -10.24 7.17
C LYS A 45 8.16 -9.55 6.11
N GLY A 46 7.51 -8.76 5.26
CA GLY A 46 8.22 -8.06 4.20
C GLY A 46 8.72 -6.69 4.61
N LYS A 47 9.38 -5.99 3.69
CA LYS A 47 9.88 -4.64 3.95
C LYS A 47 8.90 -3.58 3.44
N SER A 48 7.85 -4.00 2.75
CA SER A 48 6.86 -3.06 2.24
C SER A 48 5.58 -3.14 3.04
N GLU A 49 4.79 -2.06 3.02
CA GLU A 49 3.42 -2.11 3.52
C GLU A 49 2.64 -3.03 2.57
N HIS A 50 1.69 -3.79 3.13
CA HIS A 50 0.82 -4.61 2.28
C HIS A 50 -0.61 -4.51 2.77
N THR A 51 -1.55 -4.98 1.95
CA THR A 51 -2.94 -5.10 2.39
C THR A 51 -3.39 -6.55 2.26
N PHE A 52 -4.43 -6.88 3.02
CA PHE A 52 -5.06 -8.18 2.95
C PHE A 52 -6.51 -7.80 2.67
N THR A 53 -6.93 -7.98 1.43
CA THR A 53 -8.18 -7.43 0.95
C THR A 53 -9.03 -8.50 0.30
N ILE A 54 -10.26 -8.67 0.78
CA ILE A 54 -11.22 -9.57 0.15
C ILE A 54 -12.44 -8.73 -0.08
N LYS A 55 -12.53 -8.15 -1.28
N LYS A 55 -12.53 -8.15 -1.28
CA LYS A 55 -13.56 -7.15 -1.56
CA LYS A 55 -13.56 -7.16 -1.57
C LYS A 55 -14.98 -7.66 -1.36
C LYS A 55 -14.98 -7.67 -1.34
N LYS A 56 -15.25 -8.89 -1.79
CA LYS A 56 -16.61 -9.44 -1.69
C LYS A 56 -16.99 -9.88 -0.29
N LEU A 57 -16.04 -9.86 0.65
CA LEU A 57 -16.35 -10.12 2.04
C LEU A 57 -16.21 -8.86 2.88
N GLY A 58 -16.01 -7.73 2.22
CA GLY A 58 -15.84 -6.44 2.88
C GLY A 58 -14.67 -6.42 3.84
N ILE A 59 -13.59 -7.10 3.48
CA ILE A 59 -12.40 -7.12 4.33
C ILE A 59 -11.30 -6.28 3.68
N ASP A 60 -10.71 -5.38 4.45
CA ASP A 60 -9.53 -4.64 3.96
C ASP A 60 -8.65 -4.25 5.14
N VAL A 61 -7.52 -4.92 5.27
CA VAL A 61 -6.62 -4.69 6.39
C VAL A 61 -5.27 -4.26 5.87
N VAL A 62 -4.76 -3.15 6.39
CA VAL A 62 -3.43 -2.68 6.00
C VAL A 62 -2.48 -3.07 7.12
N VAL A 63 -1.37 -3.71 6.78
CA VAL A 63 -0.42 -4.12 7.81
C VAL A 63 0.95 -3.54 7.49
N GLU A 64 1.52 -2.84 8.46
N GLU A 64 1.53 -2.82 8.45
CA GLU A 64 2.84 -2.22 8.34
CA GLU A 64 2.83 -2.21 8.23
C GLU A 64 3.94 -3.28 8.32
C GLU A 64 3.92 -3.26 8.31
N SER A 65 5.04 -2.98 7.63
CA SER A 65 6.19 -3.88 7.60
C SER A 65 6.64 -4.29 9.02
N GLY A 66 6.76 -5.59 9.24
CA GLY A 66 7.27 -6.10 10.50
C GLY A 66 6.24 -6.16 11.61
N LYS A 67 4.99 -5.85 11.27
CA LYS A 67 3.90 -5.83 12.24
C LYS A 67 2.92 -6.96 11.97
N GLU A 68 1.99 -7.15 12.90
N GLU A 68 1.97 -7.14 12.90
CA GLU A 68 0.95 -8.15 12.70
CA GLU A 68 0.96 -8.19 12.78
C GLU A 68 -0.42 -7.61 13.13
C GLU A 68 -0.42 -7.68 13.20
N LYS A 69 -1.48 -8.21 12.58
CA LYS A 69 -2.84 -7.85 12.94
C LYS A 69 -3.72 -9.09 12.89
N ASN A 70 -4.67 -9.17 13.81
CA ASN A 70 -5.67 -10.23 13.78
C ASN A 70 -6.95 -9.66 13.22
N ILE A 71 -7.66 -10.45 12.44
CA ILE A 71 -9.02 -10.13 12.05
C ILE A 71 -9.85 -11.40 12.09
N THR A 72 -11.05 -11.30 12.65
CA THR A 72 -11.91 -12.46 12.76
C THR A 72 -13.02 -12.29 11.74
N VAL A 73 -13.29 -13.35 10.96
CA VAL A 73 -14.29 -13.25 9.92
C VAL A 73 -15.36 -14.33 10.07
N LYS A 74 -16.58 -13.99 9.67
CA LYS A 74 -17.68 -14.93 9.73
C LYS A 74 -18.46 -14.80 8.44
N PRO A 75 -18.05 -15.54 7.40
CA PRO A 75 -18.68 -15.39 6.09
C PRO A 75 -20.04 -16.08 6.00
N LYS A 76 -20.96 -15.49 5.24
CA LYS A 76 -22.33 -16.00 5.18
C LYS A 76 -22.66 -16.78 3.91
N SER A 77 -21.82 -16.71 2.88
CA SER A 77 -22.12 -17.38 1.60
C SER A 77 -20.96 -18.20 1.06
N ALA A 78 -21.25 -19.42 0.64
CA ALA A 78 -20.21 -20.30 0.08
C ALA A 78 -19.70 -19.71 -1.22
N GLY A 79 -18.43 -19.97 -1.52
CA GLY A 79 -17.87 -19.58 -2.81
C GLY A 79 -16.37 -19.43 -2.71
N THR A 80 -15.75 -19.08 -3.82
CA THR A 80 -14.33 -18.81 -3.82
C THR A 80 -14.12 -17.32 -4.05
N TYR A 81 -13.50 -16.66 -3.09
CA TYR A 81 -13.36 -15.21 -3.13
C TYR A 81 -11.93 -14.79 -3.44
N GLU A 82 -11.80 -13.71 -4.19
CA GLU A 82 -10.49 -13.15 -4.50
C GLU A 82 -9.89 -12.44 -3.30
N LEU A 83 -8.68 -12.85 -2.92
CA LEU A 83 -7.86 -12.15 -1.95
C LEU A 83 -6.78 -11.40 -2.74
N ILE A 84 -6.60 -10.11 -2.45
CA ILE A 84 -5.54 -9.35 -3.10
C ILE A 84 -4.80 -8.49 -2.10
N CYS A 85 -3.57 -8.11 -2.45
CA CYS A 85 -2.97 -6.93 -1.87
C CYS A 85 -3.25 -5.80 -2.86
N ARG A 86 -3.84 -4.70 -2.38
CA ARG A 86 -4.22 -3.63 -3.30
C ARG A 86 -3.02 -2.99 -3.99
N TYR A 87 -1.86 -3.08 -3.36
CA TYR A 87 -0.67 -2.42 -3.91
C TYR A 87 0.02 -3.29 -4.97
N HIS A 88 -0.16 -4.60 -4.88
CA HIS A 88 0.73 -5.53 -5.61
C HIS A 88 0.00 -6.59 -6.38
N LEU A 89 -1.30 -6.40 -6.57
CA LEU A 89 -2.11 -7.35 -7.32
C LEU A 89 -1.43 -7.67 -8.66
N LEU A 90 -0.90 -6.65 -9.31
CA LEU A 90 -0.30 -6.84 -10.64
C LEU A 90 1.07 -7.54 -10.61
N LYS A 91 1.65 -7.68 -9.42
CA LYS A 91 2.90 -8.41 -9.25
C LYS A 91 2.65 -9.85 -8.84
N GLY A 92 1.38 -10.26 -8.82
CA GLY A 92 1.03 -11.62 -8.45
C GLY A 92 0.61 -11.79 -6.99
N MSE A 93 0.50 -10.69 -6.26
CA MSE A 93 0.13 -10.81 -4.85
C MSE A 93 -1.39 -10.95 -4.73
O MSE A 93 -2.12 -9.98 -4.50
CB MSE A 93 0.64 -9.63 -4.03
CG MSE A 93 0.57 -9.85 -2.52
SE MSE A 93 1.77 -8.69 -1.45
CE MSE A 93 1.28 -9.32 0.32
N GLU A 94 -1.85 -12.18 -4.93
CA GLU A 94 -3.25 -12.52 -4.81
C GLU A 94 -3.43 -13.95 -4.31
N GLY A 95 -4.65 -14.27 -3.93
CA GLY A 95 -4.93 -15.60 -3.44
C GLY A 95 -6.40 -15.89 -3.57
N LYS A 96 -6.80 -17.02 -3.01
CA LYS A 96 -8.17 -17.48 -3.09
C LYS A 96 -8.66 -17.81 -1.68
N VAL A 97 -9.82 -17.31 -1.30
CA VAL A 97 -10.41 -17.67 -0.02
C VAL A 97 -11.66 -18.47 -0.29
N ILE A 98 -11.61 -19.75 0.07
CA ILE A 98 -12.70 -20.67 -0.20
C ILE A 98 -13.56 -20.76 1.05
N VAL A 99 -14.84 -20.40 0.91
CA VAL A 99 -15.78 -20.52 2.02
C VAL A 99 -16.68 -21.71 1.72
N LYS A 100 -16.73 -22.67 2.64
CA LYS A 100 -17.56 -23.85 2.43
C LYS A 100 -18.16 -24.38 3.73
N ALA B 11 7.42 33.54 -13.97
CA ALA B 11 7.01 32.22 -13.50
C ALA B 11 6.99 31.19 -14.64
N SER B 12 7.63 30.06 -14.41
CA SER B 12 7.79 29.05 -15.44
C SER B 12 6.48 28.34 -15.79
N ALA B 13 6.30 28.04 -17.07
CA ALA B 13 5.21 27.18 -17.50
C ALA B 13 5.66 25.72 -17.44
N LYS B 14 6.92 25.48 -17.08
CA LYS B 14 7.44 24.12 -17.07
C LYS B 14 6.77 23.25 -15.99
N VAL B 15 6.26 22.10 -16.41
CA VAL B 15 5.73 21.12 -15.47
C VAL B 15 6.88 20.23 -15.06
N ILE B 16 7.03 19.99 -13.77
CA ILE B 16 8.10 19.10 -13.30
C ILE B 16 7.60 17.67 -13.25
N GLU B 17 8.28 16.78 -13.97
CA GLU B 17 7.83 15.40 -14.08
C GLU B 17 8.58 14.48 -13.13
N VAL B 18 7.85 13.63 -12.42
CA VAL B 18 8.48 12.64 -11.54
C VAL B 18 7.92 11.27 -11.86
N GLU B 19 8.82 10.36 -12.17
CA GLU B 19 8.49 8.98 -12.42
C GLU B 19 8.44 8.23 -11.09
N LEU B 20 7.37 7.47 -10.88
CA LEU B 20 7.32 6.49 -9.81
C LEU B 20 7.47 5.13 -10.46
N ASN B 21 8.47 4.35 -10.06
N ASN B 21 8.45 4.37 -9.99
CA ASN B 21 8.57 2.98 -10.55
CA ASN B 21 8.69 3.03 -10.49
C ASN B 21 8.83 2.07 -9.36
C ASN B 21 8.76 2.06 -9.32
N ASP B 22 8.94 0.77 -9.62
CA ASP B 22 9.12 -0.22 -8.57
C ASP B 22 10.62 -0.40 -8.31
N ASP B 23 11.17 0.10 -7.20
CA ASP B 23 10.54 0.93 -6.19
C ASP B 23 11.42 2.16 -5.94
N TYR B 24 11.30 3.16 -6.80
CA TYR B 24 12.14 4.35 -6.68
C TYR B 24 11.47 5.53 -7.38
N PHE B 25 11.88 6.73 -6.98
CA PHE B 25 11.51 7.96 -7.68
C PHE B 25 12.58 8.34 -8.69
N ASN B 26 12.16 8.85 -9.85
CA ASN B 26 13.09 9.34 -10.85
C ASN B 26 12.58 10.63 -11.47
N PRO B 27 13.24 11.76 -11.17
CA PRO B 27 14.46 11.87 -10.35
C PRO B 27 14.15 11.76 -8.86
N ASN B 28 15.18 11.49 -8.06
CA ASN B 28 14.95 11.40 -6.62
C ASN B 28 15.39 12.68 -5.88
N VAL B 29 15.81 13.69 -6.62
CA VAL B 29 16.01 15.03 -6.06
C VAL B 29 15.34 16.01 -7.01
N ILE B 30 14.40 16.80 -6.50
CA ILE B 30 13.83 17.85 -7.33
C ILE B 30 13.88 19.17 -6.60
N THR B 31 13.94 20.24 -7.37
CA THR B 31 14.08 21.58 -6.85
C THR B 31 12.91 22.38 -7.35
N ILE B 32 12.19 23.03 -6.45
CA ILE B 32 11.05 23.85 -6.85
C ILE B 32 11.20 25.24 -6.26
N PRO B 33 10.72 26.27 -7.00
CA PRO B 33 10.88 27.64 -6.54
C PRO B 33 9.98 27.98 -5.35
N ILE B 34 10.55 28.72 -4.41
CA ILE B 34 9.81 29.21 -3.26
C ILE B 34 8.77 30.26 -3.71
N ASN B 35 7.62 30.27 -3.03
CA ASN B 35 6.56 31.25 -3.26
C ASN B 35 6.00 31.29 -4.68
N GLU B 36 6.03 30.17 -5.38
CA GLU B 36 5.47 30.08 -6.71
C GLU B 36 4.70 28.77 -6.82
N SER B 37 3.66 28.77 -7.64
CA SER B 37 2.92 27.53 -7.90
C SER B 37 3.65 26.70 -8.94
N THR B 38 3.99 25.47 -8.57
CA THR B 38 4.61 24.54 -9.50
C THR B 38 3.69 23.34 -9.72
N THR B 39 3.47 22.98 -10.97
CA THR B 39 2.72 21.77 -11.28
C THR B 39 3.71 20.62 -11.40
N LEU B 40 3.39 19.52 -10.73
CA LEU B 40 4.16 18.28 -10.83
C LEU B 40 3.32 17.26 -11.56
N LEU B 41 3.95 16.53 -12.48
CA LEU B 41 3.31 15.43 -13.17
C LEU B 41 3.89 14.15 -12.61
N LEU B 42 3.06 13.39 -11.89
CA LEU B 42 3.50 12.19 -11.21
C LEU B 42 3.06 10.98 -12.02
N LYS B 43 4.02 10.26 -12.60
CA LYS B 43 3.69 9.16 -13.52
C LYS B 43 4.10 7.83 -12.91
N ASN B 44 3.13 6.95 -12.67
CA ASN B 44 3.48 5.65 -12.11
C ASN B 44 3.72 4.63 -13.22
N LYS B 45 5.00 4.42 -13.55
CA LYS B 45 5.36 3.50 -14.62
C LYS B 45 5.59 2.08 -14.08
N GLY B 46 5.48 1.92 -12.77
CA GLY B 46 5.72 0.63 -12.14
C GLY B 46 4.46 -0.24 -12.14
N LYS B 47 4.59 -1.47 -11.67
CA LYS B 47 3.45 -2.38 -11.60
C LYS B 47 2.78 -2.35 -10.23
N SER B 48 3.35 -1.58 -9.30
CA SER B 48 2.76 -1.46 -7.96
C SER B 48 2.09 -0.12 -7.79
N GLU B 49 1.12 -0.06 -6.88
CA GLU B 49 0.64 1.24 -6.43
C GLU B 49 1.78 1.93 -5.67
N HIS B 50 1.87 3.25 -5.76
CA HIS B 50 2.88 4.00 -5.01
C HIS B 50 2.26 5.28 -4.48
N THR B 51 2.93 5.92 -3.54
CA THR B 51 2.52 7.24 -3.08
C THR B 51 3.65 8.25 -3.33
N PHE B 52 3.26 9.52 -3.38
CA PHE B 52 4.21 10.62 -3.50
C PHE B 52 3.86 11.50 -2.32
N THR B 53 4.70 11.44 -1.30
CA THR B 53 4.33 11.97 -0.01
C THR B 53 5.43 12.91 0.48
N ILE B 54 5.05 14.16 0.71
CA ILE B 54 5.94 15.13 1.32
C ILE B 54 5.23 15.70 2.54
N LYS B 55 5.43 15.05 3.68
CA LYS B 55 4.68 15.36 4.91
C LYS B 55 4.76 16.83 5.32
N LYS B 56 5.95 17.40 5.27
CA LYS B 56 6.11 18.79 5.73
C LYS B 56 5.56 19.81 4.74
N LEU B 57 5.19 19.37 3.54
CA LEU B 57 4.50 20.25 2.62
C LEU B 57 3.00 19.90 2.50
N GLY B 58 2.54 18.95 3.31
CA GLY B 58 1.14 18.56 3.29
C GLY B 58 0.73 17.84 2.02
N ILE B 59 1.70 17.20 1.38
CA ILE B 59 1.43 16.46 0.15
C ILE B 59 1.39 14.95 0.40
N ASP B 60 0.30 14.31 -0.02
CA ASP B 60 0.20 12.85 0.01
C ASP B 60 -0.71 12.40 -1.10
N VAL B 61 -0.11 11.87 -2.16
CA VAL B 61 -0.86 11.50 -3.35
C VAL B 61 -0.65 10.02 -3.61
N VAL B 62 -1.74 9.30 -3.85
CA VAL B 62 -1.61 7.90 -4.24
C VAL B 62 -1.75 7.80 -5.75
N VAL B 63 -0.84 7.08 -6.41
CA VAL B 63 -0.96 6.91 -7.85
C VAL B 63 -1.01 5.44 -8.25
N GLU B 64 -2.10 5.05 -8.89
N GLU B 64 -2.10 5.03 -8.88
CA GLU B 64 -2.30 3.68 -9.39
CA GLU B 64 -2.23 3.64 -9.30
C GLU B 64 -1.26 3.34 -10.47
C GLU B 64 -1.30 3.32 -10.47
N SER B 65 -0.90 2.06 -10.57
CA SER B 65 -0.02 1.60 -11.64
C SER B 65 -0.54 1.96 -13.02
N GLY B 66 0.30 2.56 -13.86
CA GLY B 66 -0.09 2.90 -15.23
C GLY B 66 -0.89 4.17 -15.34
N LYS B 67 -0.98 4.93 -14.25
CA LYS B 67 -1.76 6.15 -14.23
C LYS B 67 -0.84 7.31 -13.90
N GLU B 68 -1.30 8.53 -14.17
CA GLU B 68 -0.54 9.71 -13.77
C GLU B 68 -1.50 10.74 -13.15
N LYS B 69 -0.94 11.63 -12.32
CA LYS B 69 -1.71 12.68 -11.68
C LYS B 69 -0.90 13.98 -11.71
N ASN B 70 -1.59 15.09 -11.91
CA ASN B 70 -0.94 16.40 -11.74
C ASN B 70 -1.29 16.92 -10.37
N ILE B 71 -0.30 17.48 -9.67
CA ILE B 71 -0.60 18.21 -8.45
C ILE B 71 0.08 19.57 -8.49
N THR B 72 -0.46 20.51 -7.73
CA THR B 72 0.16 21.84 -7.68
C THR B 72 0.66 22.12 -6.28
N VAL B 73 1.90 22.58 -6.20
CA VAL B 73 2.52 22.85 -4.91
C VAL B 73 3.00 24.29 -4.86
N LYS B 74 2.79 24.93 -3.71
CA LYS B 74 3.25 26.30 -3.52
C LYS B 74 3.92 26.41 -2.15
N PRO B 75 5.18 26.02 -2.08
CA PRO B 75 5.92 26.03 -0.82
C PRO B 75 6.25 27.45 -0.39
N LYS B 76 6.21 27.71 0.91
CA LYS B 76 6.46 29.05 1.41
C LYS B 76 7.76 29.15 2.21
N SER B 77 8.41 28.03 2.47
CA SER B 77 9.61 28.04 3.28
C SER B 77 10.74 27.29 2.59
N ALA B 78 11.89 27.94 2.47
CA ALA B 78 13.05 27.32 1.85
C ALA B 78 13.54 26.18 2.73
N GLY B 79 14.12 25.16 2.10
CA GLY B 79 14.65 24.03 2.83
C GLY B 79 14.65 22.77 2.00
N THR B 80 15.07 21.68 2.62
CA THR B 80 15.13 20.39 1.95
C THR B 80 14.14 19.47 2.64
N TYR B 81 13.15 19.01 1.89
CA TYR B 81 12.06 18.23 2.47
C TYR B 81 12.11 16.78 2.05
N GLU B 82 11.71 15.90 2.96
CA GLU B 82 11.70 14.48 2.70
C GLU B 82 10.55 14.08 1.81
N LEU B 83 10.86 13.39 0.73
CA LEU B 83 9.84 12.78 -0.13
C LEU B 83 9.90 11.29 0.11
N ILE B 84 8.76 10.67 0.35
CA ILE B 84 8.73 9.23 0.53
C ILE B 84 7.57 8.60 -0.26
N CYS B 85 7.71 7.31 -0.55
CA CYS B 85 6.52 6.51 -0.84
C CYS B 85 6.20 5.79 0.47
N ARG B 86 4.98 5.91 0.95
CA ARG B 86 4.61 5.36 2.24
C ARG B 86 4.72 3.85 2.26
N TYR B 87 4.57 3.22 1.10
CA TYR B 87 4.61 1.75 1.04
C TYR B 87 6.03 1.18 1.01
N HIS B 88 6.99 1.96 0.51
CA HIS B 88 8.30 1.40 0.16
C HIS B 88 9.47 2.16 0.74
N LEU B 89 9.18 2.99 1.74
CA LEU B 89 10.21 3.79 2.39
C LEU B 89 11.39 2.92 2.83
N LEU B 90 11.08 1.77 3.42
CA LEU B 90 12.13 0.86 3.92
C LEU B 90 12.91 0.12 2.83
N LYS B 91 12.43 0.20 1.59
CA LYS B 91 13.16 -0.38 0.46
C LYS B 91 13.94 0.69 -0.31
N GLY B 92 14.03 1.89 0.25
CA GLY B 92 14.80 2.97 -0.35
C GLY B 92 14.02 3.91 -1.25
N MSE B 93 12.69 3.83 -1.25
CA MSE B 93 11.90 4.70 -2.11
C MSE B 93 11.69 6.04 -1.43
O MSE B 93 10.64 6.31 -0.81
CB MSE B 93 10.57 4.04 -2.52
CG MSE B 93 9.81 4.80 -3.60
SE MSE B 93 8.53 3.69 -4.61
CE MSE B 93 7.76 5.06 -5.73
N GLU B 94 12.73 6.86 -1.48
CA GLU B 94 12.67 8.20 -0.93
C GLU B 94 13.43 9.17 -1.81
N GLY B 95 13.22 10.45 -1.55
CA GLY B 95 13.90 11.50 -2.28
C GLY B 95 13.96 12.76 -1.45
N LYS B 96 14.45 13.81 -2.08
CA LYS B 96 14.65 15.08 -1.41
C LYS B 96 14.03 16.14 -2.30
N VAL B 97 13.25 17.01 -1.68
CA VAL B 97 12.62 18.11 -2.42
C VAL B 97 13.17 19.43 -1.88
N ILE B 98 13.92 20.11 -2.73
CA ILE B 98 14.59 21.34 -2.33
C ILE B 98 13.77 22.55 -2.75
N VAL B 99 13.42 23.38 -1.76
CA VAL B 99 12.71 24.61 -2.03
C VAL B 99 13.69 25.74 -1.83
N LYS B 100 13.86 26.56 -2.88
CA LYS B 100 14.75 27.71 -2.78
C LYS B 100 14.28 28.85 -3.68
ZN ZN C . 1.50 -6.24 -1.17
ZN ZN D . 5.84 -2.94 -3.38
ZN ZN E . -7.71 -14.86 -8.41
ZN ZN F . 6.35 2.89 -3.65
ZN ZN G . 15.83 11.51 3.19
#